data_4EF6
#
_entry.id   4EF6
#
_cell.length_a   48.120
_cell.length_b   70.700
_cell.length_c   82.110
_cell.angle_alpha   90.00
_cell.angle_beta   99.48
_cell.angle_gamma   90.00
#
_symmetry.space_group_name_H-M   'P 1 21 1'
#
loop_
_entity.id
_entity.type
_entity.pdbx_description
1 polymer 'Pantothenate synthetase'
2 non-polymer ETHANOL
3 non-polymer '3-(1,3-benzodioxol-5-yl)propanoic acid'
4 non-polymer 1,2-ETHANEDIOL
5 non-polymer GLYCEROL
6 water water
#
_entity_poly.entity_id   1
_entity_poly.type   'polypeptide(L)'
_entity_poly.pdbx_seq_one_letter_code
;MAIPAFHPGELNVYSAPGDVADVSRALRLTGRRVMLVPTMGALHEGHLALVRAAKRVPGSVVVVSIFVNPMQFGAGGDLD
AYPRTPDDDLAQLRAEGVEIAFTPTTAAMYPDGLRTTVQPGPLAAELEGGPRPTHFAGVLTVVLKLLQIVRPDRVFFGEK
DYQQLVLIRQLVADFNLDVAVVGVPTVREADGLAMSSRNRYLDPAQRAAAVALSAALTAAAHAATAGAQAALDAARAVLD
AAPGVAVDYLELRDIGLGPMPLNGSGRLLVAARLGTTRLLDNIAIEIGTFAGTDRPDGYR
;
_entity_poly.pdbx_strand_id   A,B
#
loop_
_chem_comp.id
_chem_comp.type
_chem_comp.name
_chem_comp.formula
EDO non-polymer 1,2-ETHANEDIOL 'C2 H6 O2'
EOH non-polymer ETHANOL 'C2 H6 O'
GOL non-polymer GLYCEROL 'C3 H8 O3'
I2E non-polymer '3-(1,3-benzodioxol-5-yl)propanoic acid' 'C10 H10 O4'
#
# COMPACT_ATOMS: atom_id res chain seq x y z
N ALA A 2 6.19 -22.68 -13.95
CA ALA A 2 7.19 -22.07 -13.02
C ALA A 2 6.84 -22.24 -11.55
N ILE A 3 6.30 -23.43 -11.22
CA ILE A 3 5.54 -23.79 -9.97
C ILE A 3 4.08 -24.26 -10.35
N PRO A 4 3.37 -23.50 -11.23
CA PRO A 4 2.31 -24.07 -12.09
C PRO A 4 2.81 -24.18 -13.55
N ALA A 5 2.03 -24.78 -14.44
CA ALA A 5 2.43 -24.85 -15.85
C ALA A 5 2.39 -23.47 -16.55
N PHE A 6 3.45 -23.16 -17.29
CA PHE A 6 3.44 -22.04 -18.24
C PHE A 6 3.85 -22.47 -19.63
N HIS A 7 2.92 -22.40 -20.57
CA HIS A 7 3.22 -22.68 -21.97
C HIS A 7 3.41 -21.40 -22.79
N PRO A 8 4.66 -21.07 -23.18
CA PRO A 8 4.92 -19.82 -23.94
C PRO A 8 4.30 -19.83 -25.35
N GLY A 9 4.03 -18.64 -25.87
CA GLY A 9 3.32 -18.54 -27.15
C GLY A 9 1.84 -18.93 -27.08
N GLU A 10 1.36 -19.28 -25.89
CA GLU A 10 -0.08 -19.53 -25.69
C GLU A 10 -0.63 -18.66 -24.54
N LEU A 11 -1.96 -18.54 -24.49
CA LEU A 11 -2.56 -17.79 -23.41
C LEU A 11 -2.67 -18.76 -22.24
N ASN A 12 -1.97 -18.44 -21.15
CA ASN A 12 -2.07 -19.19 -19.88
C ASN A 12 -2.99 -18.42 -18.95
N VAL A 13 -4.00 -19.09 -18.44
CA VAL A 13 -4.98 -18.48 -17.52
C VAL A 13 -4.77 -18.98 -16.07
N TYR A 14 -4.47 -18.03 -15.19
CA TYR A 14 -4.36 -18.30 -13.74
C TYR A 14 -5.37 -17.51 -12.95
N SER A 15 -6.11 -18.22 -12.09
N SER A 15 -6.11 -18.21 -12.08
CA SER A 15 -6.97 -17.56 -11.14
CA SER A 15 -6.97 -17.55 -11.14
C SER A 15 -6.27 -17.36 -9.78
C SER A 15 -6.29 -17.37 -9.77
N ALA A 16 -5.39 -18.28 -9.39
CA ALA A 16 -4.77 -18.17 -8.06
C ALA A 16 -3.69 -17.08 -8.00
N PRO A 17 -3.77 -16.15 -7.02
CA PRO A 17 -2.69 -15.14 -6.90
C PRO A 17 -1.31 -15.76 -6.82
N GLY A 18 -1.17 -16.79 -5.98
CA GLY A 18 0.06 -17.54 -5.83
C GLY A 18 0.61 -18.09 -7.14
N ASP A 19 -0.27 -18.62 -8.00
CA ASP A 19 0.07 -19.11 -9.33
C ASP A 19 0.69 -18.02 -10.24
N VAL A 20 -0.01 -16.91 -10.46
CA VAL A 20 0.56 -15.82 -11.28
C VAL A 20 1.85 -15.25 -10.64
N ALA A 21 1.88 -15.15 -9.31
CA ALA A 21 3.01 -14.58 -8.62
C ALA A 21 4.28 -15.45 -8.88
N ASP A 22 4.10 -16.75 -8.85
CA ASP A 22 5.25 -17.67 -8.94
C ASP A 22 5.79 -17.70 -10.35
N VAL A 23 4.86 -17.77 -11.30
CA VAL A 23 5.19 -17.69 -12.71
C VAL A 23 5.80 -16.33 -13.09
N SER A 24 5.26 -15.23 -12.58
CA SER A 24 5.86 -13.94 -12.86
C SER A 24 7.32 -13.85 -12.33
N ARG A 25 7.51 -14.25 -11.08
CA ARG A 25 8.80 -14.25 -10.45
C ARG A 25 9.74 -15.12 -11.24
N ALA A 26 9.25 -16.28 -11.66
CA ALA A 26 10.13 -17.22 -12.34
C ALA A 26 10.54 -16.61 -13.68
N LEU A 27 9.58 -16.00 -14.39
CA LEU A 27 9.90 -15.34 -15.66
C LEU A 27 10.93 -14.23 -15.52
N ARG A 28 10.73 -13.35 -14.54
CA ARG A 28 11.62 -12.22 -14.35
C ARG A 28 13.07 -12.68 -14.04
N LEU A 29 13.20 -13.68 -13.17
CA LEU A 29 14.47 -14.35 -12.86
C LEU A 29 15.17 -14.90 -14.09
N THR A 30 14.44 -15.26 -15.15
CA THR A 30 15.08 -15.76 -16.34
C THR A 30 15.29 -14.64 -17.33
N GLY A 31 15.22 -13.39 -16.85
CA GLY A 31 15.41 -12.25 -17.77
C GLY A 31 14.23 -11.63 -18.52
N ARG A 32 13.06 -12.26 -18.56
CA ARG A 32 11.90 -11.62 -19.24
C ARG A 32 11.45 -10.40 -18.45
N ARG A 33 10.96 -9.34 -19.09
CA ARG A 33 10.41 -8.20 -18.35
C ARG A 33 8.89 -8.32 -18.30
N VAL A 34 8.34 -8.19 -17.10
CA VAL A 34 6.92 -8.47 -16.91
C VAL A 34 6.14 -7.17 -17.03
N MET A 35 5.15 -7.15 -17.91
CA MET A 35 4.34 -5.98 -18.19
C MET A 35 2.96 -6.27 -17.59
N LEU A 36 2.40 -5.32 -16.84
CA LEU A 36 1.03 -5.54 -16.31
C LEU A 36 0.04 -4.62 -16.95
N VAL A 37 -1.07 -5.19 -17.43
CA VAL A 37 -2.15 -4.40 -17.95
C VAL A 37 -3.43 -4.69 -17.08
N PRO A 38 -3.71 -3.85 -16.06
CA PRO A 38 -4.85 -4.17 -15.16
C PRO A 38 -6.14 -3.65 -15.75
N THR A 39 -7.11 -4.53 -15.86
CA THR A 39 -8.40 -4.18 -16.47
C THR A 39 -9.53 -4.74 -15.63
N MET A 40 -10.71 -4.24 -15.91
CA MET A 40 -11.96 -4.84 -15.42
C MET A 40 -12.68 -5.61 -16.48
N GLY A 41 -11.92 -6.22 -17.39
CA GLY A 41 -12.55 -6.94 -18.51
C GLY A 41 -13.42 -6.04 -19.45
N ALA A 42 -14.32 -6.68 -20.21
CA ALA A 42 -15.12 -5.97 -21.24
C ALA A 42 -14.19 -5.21 -22.18
N LEU A 43 -13.23 -5.96 -22.71
CA LEU A 43 -12.11 -5.44 -23.43
C LEU A 43 -12.53 -4.88 -24.80
N HIS A 44 -11.98 -3.74 -25.13
CA HIS A 44 -12.24 -3.13 -26.42
C HIS A 44 -10.89 -2.63 -26.95
N GLU A 45 -10.89 -1.87 -28.05
CA GLU A 45 -9.66 -1.48 -28.69
C GLU A 45 -8.81 -0.54 -27.82
N GLY A 46 -9.43 0.22 -26.90
CA GLY A 46 -8.64 0.98 -25.95
C GLY A 46 -7.70 0.08 -25.13
N HIS A 47 -8.23 -1.01 -24.55
CA HIS A 47 -7.42 -1.98 -23.84
C HIS A 47 -6.42 -2.63 -24.79
N LEU A 48 -6.75 -2.81 -26.08
CA LEU A 48 -5.74 -3.53 -26.96
C LEU A 48 -4.53 -2.61 -27.22
N ALA A 49 -4.77 -1.30 -27.15
CA ALA A 49 -3.65 -0.41 -27.32
C ALA A 49 -2.70 -0.57 -26.12
N LEU A 50 -3.28 -0.78 -24.93
CA LEU A 50 -2.48 -1.00 -23.74
C LEU A 50 -1.67 -2.31 -23.92
N VAL A 51 -2.33 -3.38 -24.36
CA VAL A 51 -1.64 -4.64 -24.60
C VAL A 51 -0.45 -4.45 -25.60
N ARG A 52 -0.73 -3.80 -26.73
CA ARG A 52 0.23 -3.59 -27.80
C ARG A 52 1.40 -2.75 -27.31
N ALA A 53 1.12 -1.68 -26.55
CA ALA A 53 2.16 -0.90 -25.95
C ALA A 53 3.03 -1.79 -25.06
N ALA A 54 2.43 -2.71 -24.29
CA ALA A 54 3.22 -3.63 -23.43
C ALA A 54 4.00 -4.62 -24.28
N LYS A 55 3.38 -5.16 -25.35
CA LYS A 55 4.03 -6.18 -26.20
C LYS A 55 5.28 -5.62 -26.85
N ARG A 56 5.27 -4.33 -27.18
CA ARG A 56 6.40 -3.75 -27.85
C ARG A 56 7.58 -3.40 -26.94
N VAL A 57 7.46 -3.66 -25.64
CA VAL A 57 8.63 -3.55 -24.74
C VAL A 57 9.51 -4.81 -24.91
N PRO A 58 10.81 -4.61 -25.24
CA PRO A 58 11.60 -5.77 -25.65
C PRO A 58 11.77 -6.82 -24.55
N GLY A 59 11.61 -8.08 -24.93
CA GLY A 59 11.71 -9.20 -23.99
C GLY A 59 10.51 -9.20 -23.04
N SER A 60 9.44 -8.47 -23.36
CA SER A 60 8.28 -8.42 -22.49
C SER A 60 7.55 -9.79 -22.38
N VAL A 61 7.02 -10.09 -21.19
CA VAL A 61 5.92 -11.03 -21.11
C VAL A 61 4.72 -10.21 -20.58
N VAL A 62 3.53 -10.41 -21.16
CA VAL A 62 2.45 -9.49 -20.86
C VAL A 62 1.51 -10.21 -19.92
N VAL A 63 1.15 -9.57 -18.79
CA VAL A 63 0.12 -10.11 -17.93
C VAL A 63 -1.06 -9.18 -18.02
N VAL A 64 -2.21 -9.68 -18.46
CA VAL A 64 -3.41 -8.84 -18.39
C VAL A 64 -4.23 -9.31 -17.22
N SER A 65 -4.51 -8.46 -16.24
CA SER A 65 -5.45 -8.87 -15.19
C SER A 65 -6.84 -8.45 -15.59
N ILE A 66 -7.78 -9.38 -15.35
CA ILE A 66 -9.19 -9.11 -15.43
C ILE A 66 -9.85 -9.39 -14.08
N PHE A 67 -10.45 -8.37 -13.53
CA PHE A 67 -11.02 -8.44 -12.19
C PHE A 67 -11.89 -7.24 -12.03
N VAL A 68 -13.19 -7.48 -11.83
CA VAL A 68 -14.14 -6.38 -11.64
C VAL A 68 -14.14 -6.15 -10.11
N ASN A 69 -13.42 -5.12 -9.74
CA ASN A 69 -13.06 -4.89 -8.35
C ASN A 69 -14.20 -4.32 -7.54
N PRO A 70 -14.78 -5.12 -6.61
CA PRO A 70 -15.95 -4.60 -5.87
C PRO A 70 -15.69 -3.31 -5.07
N MET A 71 -14.45 -3.13 -4.62
CA MET A 71 -14.18 -2.03 -3.66
C MET A 71 -14.28 -0.59 -4.26
N GLN A 72 -14.15 -0.47 -5.58
CA GLN A 72 -14.27 0.80 -6.29
C GLN A 72 -15.70 1.17 -6.74
N PHE A 73 -16.64 0.30 -6.44
CA PHE A 73 -18.03 0.53 -6.77
C PHE A 73 -18.77 0.93 -5.51
N GLY A 74 -19.59 1.98 -5.61
CA GLY A 74 -20.47 2.32 -4.48
C GLY A 74 -21.65 1.36 -4.45
N ALA A 75 -22.45 1.37 -3.40
CA ALA A 75 -23.61 0.47 -3.47
C ALA A 75 -24.56 1.03 -4.55
N GLY A 76 -25.73 0.41 -4.69
CA GLY A 76 -26.46 0.47 -5.93
C GLY A 76 -26.16 -0.82 -6.73
N GLY A 77 -26.52 -0.76 -8.02
CA GLY A 77 -26.39 -1.97 -8.80
C GLY A 77 -25.26 -1.74 -9.75
N ASP A 78 -24.40 -0.79 -9.40
CA ASP A 78 -23.24 -0.46 -10.23
C ASP A 78 -22.39 -1.70 -10.46
N LEU A 79 -22.08 -2.43 -9.39
CA LEU A 79 -21.24 -3.63 -9.48
C LEU A 79 -21.89 -4.76 -10.34
N ASP A 80 -23.15 -5.06 -10.04
CA ASP A 80 -23.93 -6.03 -10.81
C ASP A 80 -24.10 -5.64 -12.32
N ALA A 81 -24.22 -4.33 -12.59
CA ALA A 81 -24.45 -3.78 -13.95
C ALA A 81 -23.18 -3.63 -14.81
N TYR A 82 -22.00 -3.72 -14.18
CA TYR A 82 -20.76 -3.68 -14.96
C TYR A 82 -20.73 -4.79 -16.06
N PRO A 83 -20.32 -4.46 -17.32
CA PRO A 83 -20.38 -5.48 -18.43
C PRO A 83 -19.39 -6.59 -18.18
N ARG A 84 -19.81 -7.83 -18.36
CA ARG A 84 -18.89 -8.96 -18.20
C ARG A 84 -18.99 -9.80 -19.49
N THR A 85 -17.88 -9.83 -20.24
CA THR A 85 -17.87 -10.50 -21.55
C THR A 85 -16.66 -11.40 -21.57
N PRO A 86 -16.61 -12.38 -20.65
CA PRO A 86 -15.26 -12.97 -20.52
C PRO A 86 -14.82 -13.93 -21.65
N ASP A 87 -15.76 -14.39 -22.48
CA ASP A 87 -15.36 -15.22 -23.60
C ASP A 87 -14.72 -14.35 -24.69
N ASP A 88 -15.36 -13.25 -25.05
CA ASP A 88 -14.73 -12.28 -25.95
C ASP A 88 -13.36 -11.84 -25.40
N ASP A 89 -13.26 -11.59 -24.07
CA ASP A 89 -12.05 -10.99 -23.49
C ASP A 89 -10.88 -11.94 -23.74
N LEU A 90 -11.08 -13.23 -23.42
CA LEU A 90 -10.03 -14.22 -23.64
C LEU A 90 -9.68 -14.42 -25.14
N ALA A 91 -10.70 -14.39 -26.02
CA ALA A 91 -10.51 -14.44 -27.49
C ALA A 91 -9.65 -13.26 -27.93
N GLN A 92 -9.88 -12.10 -27.39
CA GLN A 92 -9.05 -10.95 -27.78
C GLN A 92 -7.62 -11.07 -27.33
N LEU A 93 -7.43 -11.70 -26.16
CA LEU A 93 -6.09 -11.82 -25.64
C LEU A 93 -5.31 -12.88 -26.43
N ARG A 94 -5.96 -13.99 -26.76
CA ARG A 94 -5.34 -14.98 -27.68
C ARG A 94 -4.95 -14.35 -29.02
N ALA A 95 -5.87 -13.60 -29.66
CA ALA A 95 -5.64 -12.90 -30.93
C ALA A 95 -4.49 -11.85 -30.85
N GLU A 96 -4.36 -11.19 -29.69
CA GLU A 96 -3.21 -10.31 -29.46
C GLU A 96 -1.89 -10.97 -29.06
N GLY A 97 -1.87 -12.28 -28.84
CA GLY A 97 -0.63 -13.01 -28.53
C GLY A 97 -0.25 -12.89 -27.03
N VAL A 98 -1.19 -12.50 -26.17
CA VAL A 98 -0.93 -12.35 -24.72
C VAL A 98 -0.65 -13.71 -24.10
N GLU A 99 0.42 -13.85 -23.34
CA GLU A 99 0.73 -15.14 -22.72
C GLU A 99 0.11 -15.44 -21.35
N ILE A 100 -0.19 -14.39 -20.59
CA ILE A 100 -0.79 -14.60 -19.28
C ILE A 100 -2.04 -13.70 -19.10
N ALA A 101 -3.17 -14.37 -18.80
CA ALA A 101 -4.34 -13.68 -18.23
C ALA A 101 -4.38 -14.02 -16.72
N PHE A 102 -4.61 -13.00 -15.90
CA PHE A 102 -4.77 -13.20 -14.45
C PHE A 102 -6.21 -12.84 -14.04
N THR A 103 -6.98 -13.89 -13.70
CA THR A 103 -8.41 -13.73 -13.44
C THR A 103 -8.77 -14.20 -11.98
N PRO A 104 -8.38 -13.42 -10.96
CA PRO A 104 -8.66 -13.79 -9.54
C PRO A 104 -10.16 -13.76 -9.19
N THR A 105 -10.52 -14.48 -8.15
CA THR A 105 -11.89 -14.44 -7.59
C THR A 105 -11.89 -13.35 -6.55
N THR A 106 -13.08 -12.86 -6.15
CA THR A 106 -13.21 -11.89 -5.05
C THR A 106 -12.66 -12.46 -3.74
N ALA A 107 -12.93 -13.74 -3.49
CA ALA A 107 -12.45 -14.43 -2.29
C ALA A 107 -10.93 -14.47 -2.26
N ALA A 108 -10.28 -14.69 -3.41
CA ALA A 108 -8.83 -14.75 -3.41
C ALA A 108 -8.20 -13.40 -3.15
N MET A 109 -8.84 -12.33 -3.61
CA MET A 109 -8.34 -10.95 -3.48
C MET A 109 -8.74 -10.34 -2.14
N TYR A 110 -9.93 -10.68 -1.66
CA TYR A 110 -10.43 -10.11 -0.39
C TYR A 110 -10.81 -11.22 0.64
N PRO A 111 -9.88 -12.13 1.00
CA PRO A 111 -10.28 -13.27 1.86
C PRO A 111 -10.74 -12.77 3.25
N ASP A 112 -10.30 -11.55 3.63
CA ASP A 112 -10.66 -11.01 4.92
C ASP A 112 -11.57 -9.82 4.84
N GLY A 113 -12.22 -9.62 3.67
CA GLY A 113 -13.05 -8.44 3.43
C GLY A 113 -12.19 -7.19 3.44
N LEU A 114 -12.79 -6.05 3.73
CA LEU A 114 -11.96 -4.85 3.78
C LEU A 114 -11.28 -4.72 5.10
N ARG A 115 -9.95 -4.67 5.09
CA ARG A 115 -9.21 -4.48 6.35
C ARG A 115 -8.16 -3.35 6.17
N THR A 116 -6.90 -3.67 5.89
CA THR A 116 -5.92 -2.64 5.54
C THR A 116 -6.29 -2.16 4.12
N THR A 117 -6.36 -0.85 3.94
CA THR A 117 -6.68 -0.21 2.63
C THR A 117 -5.72 0.96 2.35
N VAL A 118 -5.73 1.43 1.10
CA VAL A 118 -4.98 2.63 0.73
C VAL A 118 -5.87 3.83 0.88
N GLN A 119 -5.37 4.86 1.54
CA GLN A 119 -6.14 6.06 1.57
C GLN A 119 -5.48 7.06 0.62
N PRO A 120 -6.14 7.41 -0.50
CA PRO A 120 -5.49 8.36 -1.45
C PRO A 120 -5.30 9.73 -0.82
N GLY A 121 -4.47 10.58 -1.42
CA GLY A 121 -4.47 12.01 -1.09
C GLY A 121 -5.77 12.74 -1.47
N PRO A 122 -5.83 14.06 -1.17
CA PRO A 122 -6.96 14.97 -1.43
C PRO A 122 -7.49 14.98 -2.89
N LEU A 123 -6.63 14.81 -3.90
CA LEU A 123 -7.13 14.64 -5.28
C LEU A 123 -8.29 13.61 -5.39
N ALA A 124 -8.28 12.57 -4.54
CA ALA A 124 -9.36 11.56 -4.66
C ALA A 124 -10.76 12.04 -4.24
N ALA A 125 -10.82 13.19 -3.56
CA ALA A 125 -12.14 13.79 -3.21
C ALA A 125 -12.67 14.75 -4.30
N GLU A 126 -11.94 14.93 -5.38
CA GLU A 126 -12.37 15.92 -6.37
C GLU A 126 -12.76 15.26 -7.66
N LEU A 127 -13.50 15.99 -8.49
CA LEU A 127 -13.86 15.53 -9.82
C LEU A 127 -14.68 14.25 -9.71
N GLU A 128 -14.21 13.13 -10.25
CA GLU A 128 -14.95 11.88 -10.14
C GLU A 128 -15.13 11.45 -8.66
N GLY A 129 -14.18 11.80 -7.78
CA GLY A 129 -14.29 11.36 -6.40
C GLY A 129 -15.19 12.22 -5.53
N GLY A 130 -15.71 13.34 -6.05
CA GLY A 130 -16.51 14.27 -5.21
C GLY A 130 -17.75 13.59 -4.60
N PRO A 131 -18.58 12.97 -5.47
CA PRO A 131 -19.78 12.28 -4.99
C PRO A 131 -19.59 10.79 -4.84
N ARG A 132 -18.32 10.34 -4.94
CA ARG A 132 -18.00 8.90 -4.87
C ARG A 132 -16.80 8.84 -3.97
N PRO A 133 -17.00 9.18 -2.71
CA PRO A 133 -15.79 9.46 -1.89
C PRO A 133 -14.91 8.23 -1.58
N THR A 134 -15.38 7.01 -1.82
CA THR A 134 -14.50 5.85 -1.61
C THR A 134 -14.01 5.21 -2.90
N HIS A 135 -14.42 5.79 -4.03
CA HIS A 135 -14.09 5.24 -5.32
C HIS A 135 -12.57 5.01 -5.50
N PHE A 136 -11.77 6.08 -5.31
CA PHE A 136 -10.34 5.95 -5.61
C PHE A 136 -9.56 5.13 -4.56
N ALA A 137 -10.06 5.11 -3.34
CA ALA A 137 -9.51 4.18 -2.36
C ALA A 137 -9.63 2.74 -2.86
N GLY A 138 -10.76 2.39 -3.43
CA GLY A 138 -10.95 1.03 -3.95
C GLY A 138 -9.99 0.74 -5.10
N VAL A 139 -9.79 1.74 -5.96
CA VAL A 139 -8.94 1.57 -7.16
C VAL A 139 -7.47 1.40 -6.74
N LEU A 140 -6.97 2.34 -5.89
CA LEU A 140 -5.60 2.27 -5.43
C LEU A 140 -5.32 1.04 -4.61
N THR A 141 -6.33 0.57 -3.88
CA THR A 141 -6.15 -0.64 -3.10
C THR A 141 -6.00 -1.85 -4.03
N VAL A 142 -6.91 -2.00 -5.00
CA VAL A 142 -6.78 -3.18 -5.82
C VAL A 142 -5.51 -3.07 -6.71
N VAL A 143 -5.19 -1.88 -7.20
CA VAL A 143 -3.96 -1.72 -7.98
C VAL A 143 -2.69 -2.03 -7.16
N LEU A 144 -2.64 -1.57 -5.90
CA LEU A 144 -1.56 -1.95 -5.02
C LEU A 144 -1.44 -3.48 -4.98
N LYS A 145 -2.54 -4.18 -4.76
CA LYS A 145 -2.45 -5.63 -4.53
C LYS A 145 -1.98 -6.28 -5.79
N LEU A 146 -2.51 -5.85 -6.96
CA LEU A 146 -2.11 -6.45 -8.24
C LEU A 146 -0.61 -6.27 -8.51
N LEU A 147 -0.09 -5.07 -8.19
CA LEU A 147 1.34 -4.80 -8.37
C LEU A 147 2.20 -5.69 -7.48
N GLN A 148 1.69 -5.96 -6.26
CA GLN A 148 2.42 -6.81 -5.33
C GLN A 148 2.36 -8.23 -5.72
N ILE A 149 1.27 -8.67 -6.33
CA ILE A 149 1.14 -10.09 -6.70
C ILE A 149 2.05 -10.41 -7.94
N VAL A 150 1.90 -9.56 -8.95
CA VAL A 150 2.52 -9.71 -10.26
C VAL A 150 3.98 -9.15 -10.24
N ARG A 151 4.27 -8.14 -9.41
CA ARG A 151 5.56 -7.43 -9.41
C ARG A 151 6.03 -7.13 -10.83
N PRO A 152 5.26 -6.34 -11.58
CA PRO A 152 5.78 -6.07 -12.96
C PRO A 152 6.86 -4.99 -12.98
N ASP A 153 7.63 -4.96 -14.06
CA ASP A 153 8.51 -3.84 -14.37
C ASP A 153 7.80 -2.59 -14.78
N ARG A 154 6.71 -2.74 -15.54
CA ARG A 154 5.93 -1.61 -15.96
C ARG A 154 4.45 -1.97 -15.87
N VAL A 155 3.67 -0.95 -15.61
CA VAL A 155 2.21 -1.06 -15.56
C VAL A 155 1.57 -0.01 -16.50
N PHE A 156 0.56 -0.44 -17.20
CA PHE A 156 -0.04 0.34 -18.30
C PHE A 156 -1.47 0.78 -18.02
N PHE A 157 -1.75 2.09 -18.11
CA PHE A 157 -3.13 2.59 -17.96
C PHE A 157 -3.47 3.58 -19.12
N GLY A 158 -4.75 3.68 -19.50
CA GLY A 158 -5.17 4.65 -20.49
C GLY A 158 -5.15 6.06 -19.90
N GLU A 159 -4.87 7.07 -20.73
CA GLU A 159 -5.16 8.50 -20.38
C GLU A 159 -6.65 8.84 -20.25
N LYS A 160 -7.51 7.98 -20.79
CA LYS A 160 -8.93 8.21 -20.76
C LYS A 160 -9.45 8.48 -19.31
N ASP A 161 -9.09 7.62 -18.37
CA ASP A 161 -9.44 7.86 -16.99
C ASP A 161 -8.24 8.58 -16.39
N TYR A 162 -8.15 9.87 -16.72
CA TYR A 162 -6.92 10.61 -16.45
C TYR A 162 -6.70 10.84 -14.95
N GLN A 163 -7.77 11.10 -14.22
CA GLN A 163 -7.63 11.38 -12.79
C GLN A 163 -7.13 10.10 -12.10
N GLN A 164 -7.69 8.97 -12.50
CA GLN A 164 -7.19 7.70 -12.05
C GLN A 164 -5.68 7.51 -12.34
N LEU A 165 -5.24 7.81 -13.57
CA LEU A 165 -3.84 7.66 -13.90
C LEU A 165 -2.96 8.54 -12.95
N VAL A 166 -3.35 9.79 -12.67
CA VAL A 166 -2.58 10.69 -11.84
C VAL A 166 -2.50 10.07 -10.41
N LEU A 167 -3.62 9.53 -9.91
CA LEU A 167 -3.67 8.94 -8.58
C LEU A 167 -2.78 7.72 -8.53
N ILE A 168 -2.77 6.89 -9.59
CA ILE A 168 -1.80 5.83 -9.68
C ILE A 168 -0.34 6.24 -9.63
N ARG A 169 0.03 7.32 -10.31
CA ARG A 169 1.37 7.79 -10.24
C ARG A 169 1.61 8.28 -8.82
N GLN A 170 0.60 8.85 -8.13
CA GLN A 170 0.84 9.25 -6.72
C GLN A 170 1.11 8.05 -5.82
N LEU A 171 0.32 7.00 -6.01
CA LEU A 171 0.44 5.74 -5.26
C LEU A 171 1.87 5.15 -5.41
N VAL A 172 2.31 5.09 -6.64
CA VAL A 172 3.60 4.60 -6.95
C VAL A 172 4.73 5.45 -6.34
N ALA A 173 4.64 6.77 -6.42
CA ALA A 173 5.68 7.64 -5.80
C ALA A 173 5.69 7.57 -4.25
N ASP A 174 4.50 7.65 -3.68
CA ASP A 174 4.30 7.83 -2.25
C ASP A 174 4.61 6.56 -1.44
N PHE A 175 4.46 5.37 -2.08
CA PHE A 175 4.75 4.10 -1.46
C PHE A 175 6.08 3.56 -2.01
N ASN A 176 6.78 4.36 -2.83
CA ASN A 176 8.13 3.99 -3.34
C ASN A 176 8.08 2.68 -4.12
N LEU A 177 7.04 2.49 -4.93
CA LEU A 177 6.87 1.23 -5.61
C LEU A 177 7.85 1.16 -6.73
N ASP A 178 8.42 0.00 -6.96
CA ASP A 178 9.48 0.05 -7.94
C ASP A 178 9.02 -0.09 -9.43
N VAL A 179 7.74 -0.03 -9.71
CA VAL A 179 7.20 -0.18 -11.08
C VAL A 179 7.23 1.16 -11.84
N ALA A 180 7.31 1.11 -13.16
CA ALA A 180 7.17 2.31 -14.00
C ALA A 180 5.75 2.37 -14.51
N VAL A 181 5.10 3.52 -14.29
CA VAL A 181 3.76 3.74 -14.80
C VAL A 181 3.77 4.32 -16.26
N VAL A 182 3.17 3.58 -17.21
CA VAL A 182 3.02 4.06 -18.60
C VAL A 182 1.60 4.48 -18.89
N GLY A 183 1.41 5.78 -19.15
CA GLY A 183 0.11 6.29 -19.61
C GLY A 183 0.00 6.11 -21.14
N VAL A 184 -1.07 5.51 -21.64
CA VAL A 184 -1.28 5.32 -23.08
C VAL A 184 -2.39 6.24 -23.58
N PRO A 185 -2.15 6.97 -24.71
CA PRO A 185 -3.16 7.86 -25.29
C PRO A 185 -4.52 7.20 -25.48
N THR A 186 -5.56 7.93 -25.15
CA THR A 186 -6.96 7.49 -25.42
C THR A 186 -7.23 7.01 -26.89
N VAL A 187 -7.84 5.84 -27.06
CA VAL A 187 -8.16 5.33 -28.39
C VAL A 187 -9.56 5.84 -28.69
N ARG A 188 -9.77 6.39 -29.89
CA ARG A 188 -11.06 7.02 -30.24
C ARG A 188 -11.76 6.34 -31.42
N GLU A 189 -13.09 6.36 -31.42
CA GLU A 189 -13.85 5.97 -32.61
C GLU A 189 -13.54 6.99 -33.75
N ALA A 190 -13.93 6.68 -34.99
CA ALA A 190 -13.61 7.52 -36.18
C ALA A 190 -14.12 8.96 -36.05
N ASP A 191 -15.23 9.13 -35.36
CA ASP A 191 -15.73 10.47 -35.10
C ASP A 191 -15.14 11.25 -33.90
N GLY A 192 -14.26 10.64 -33.11
CA GLY A 192 -13.67 11.34 -31.93
C GLY A 192 -14.11 10.69 -30.57
N LEU A 193 -15.20 9.88 -30.55
CA LEU A 193 -15.73 9.33 -29.28
C LEU A 193 -14.65 8.54 -28.55
N ALA A 194 -14.34 8.91 -27.30
CA ALA A 194 -13.32 8.13 -26.53
C ALA A 194 -13.81 6.67 -26.38
N MET A 195 -12.98 5.67 -26.69
CA MET A 195 -13.32 4.25 -26.38
C MET A 195 -13.65 4.04 -24.89
N SER A 196 -14.72 3.30 -24.59
CA SER A 196 -15.03 2.98 -23.19
C SER A 196 -16.00 1.81 -23.17
N SER A 197 -15.87 0.99 -22.12
N SER A 197 -15.89 1.00 -22.11
CA SER A 197 -16.79 -0.15 -21.93
CA SER A 197 -16.80 -0.15 -21.91
C SER A 197 -18.20 0.36 -21.72
C SER A 197 -18.19 0.33 -21.54
N ARG A 198 -18.33 1.63 -21.31
CA ARG A 198 -19.63 2.26 -21.14
C ARG A 198 -20.33 2.73 -22.44
N ASN A 199 -19.62 2.75 -23.59
CA ASN A 199 -20.24 3.15 -24.90
C ASN A 199 -21.40 2.24 -25.33
N ARG A 200 -21.38 0.99 -24.88
CA ARG A 200 -22.42 0.03 -25.26
C ARG A 200 -23.84 0.43 -24.76
N TYR A 201 -23.91 1.25 -23.73
CA TYR A 201 -25.17 1.79 -23.20
C TYR A 201 -25.69 3.06 -23.84
N LEU A 202 -25.07 3.49 -24.95
CA LEU A 202 -25.64 4.56 -25.81
C LEU A 202 -26.59 3.99 -26.90
N ASP A 203 -27.86 4.40 -26.90
CA ASP A 203 -28.74 4.05 -28.00
C ASP A 203 -28.29 4.92 -29.21
N PRO A 204 -28.88 4.70 -30.41
CA PRO A 204 -28.44 5.49 -31.57
C PRO A 204 -28.47 7.01 -31.39
N ALA A 205 -29.50 7.60 -30.80
CA ALA A 205 -29.53 9.05 -30.59
C ALA A 205 -28.38 9.52 -29.69
N GLN A 206 -28.22 8.85 -28.55
CA GLN A 206 -27.14 9.13 -27.61
C GLN A 206 -25.74 8.94 -28.21
N ARG A 207 -25.55 7.91 -29.00
CA ARG A 207 -24.29 7.68 -29.64
C ARG A 207 -23.95 8.90 -30.57
N ALA A 208 -24.95 9.40 -31.30
CA ALA A 208 -24.78 10.56 -32.17
C ALA A 208 -24.43 11.82 -31.36
N ALA A 209 -25.20 12.07 -30.29
CA ALA A 209 -24.99 13.24 -29.46
C ALA A 209 -23.60 13.21 -28.73
N ALA A 210 -23.18 11.99 -28.36
CA ALA A 210 -21.93 11.72 -27.59
C ALA A 210 -20.66 12.24 -28.26
N VAL A 211 -20.71 12.46 -29.57
CA VAL A 211 -19.55 13.08 -30.25
C VAL A 211 -19.27 14.50 -29.68
N ALA A 212 -20.28 15.16 -29.12
CA ALA A 212 -20.06 16.48 -28.55
C ALA A 212 -18.88 16.60 -27.54
N LEU A 213 -18.66 15.56 -26.72
CA LEU A 213 -17.59 15.62 -25.77
C LEU A 213 -16.24 15.81 -26.42
N SER A 214 -15.87 14.91 -27.33
CA SER A 214 -14.57 15.02 -27.95
C SER A 214 -14.52 16.26 -28.87
N ALA A 215 -15.67 16.65 -29.47
CA ALA A 215 -15.68 17.84 -30.33
C ALA A 215 -15.45 19.11 -29.49
N ALA A 216 -16.04 19.16 -28.29
CA ALA A 216 -15.90 20.29 -27.37
C ALA A 216 -14.42 20.46 -26.95
N LEU A 217 -13.79 19.30 -26.68
CA LEU A 217 -12.43 19.24 -26.15
C LEU A 217 -11.42 19.63 -27.19
N THR A 218 -11.60 19.10 -28.40
CA THR A 218 -10.64 19.44 -29.46
C THR A 218 -10.89 20.85 -29.96
N ALA A 219 -12.13 21.30 -29.90
CA ALA A 219 -12.40 22.73 -30.16
C ALA A 219 -11.67 23.63 -29.13
N ALA A 220 -11.78 23.30 -27.84
CA ALA A 220 -11.07 24.07 -26.81
C ALA A 220 -9.56 23.99 -27.00
N ALA A 221 -9.02 22.82 -27.35
CA ALA A 221 -7.58 22.71 -27.53
C ALA A 221 -7.01 23.73 -28.58
N HIS A 222 -7.78 23.97 -29.63
CA HIS A 222 -7.38 24.94 -30.68
C HIS A 222 -7.72 26.40 -30.35
N ALA A 223 -8.82 26.61 -29.64
CA ALA A 223 -9.22 27.91 -29.17
C ALA A 223 -8.23 28.51 -28.13
N ALA A 224 -7.50 27.62 -27.45
CA ALA A 224 -6.61 27.88 -26.33
C ALA A 224 -5.45 28.89 -26.62
N THR A 225 -5.02 28.99 -27.89
CA THR A 225 -4.16 30.13 -28.33
C THR A 225 -4.73 31.49 -27.90
N ALA A 226 -6.07 31.56 -27.78
CA ALA A 226 -6.72 32.75 -27.33
C ALA A 226 -6.93 32.80 -25.79
N GLY A 227 -6.40 31.84 -25.03
CA GLY A 227 -6.50 31.89 -23.56
C GLY A 227 -7.46 30.86 -23.00
N ALA A 228 -7.46 30.76 -21.66
CA ALA A 228 -8.23 29.77 -20.98
C ALA A 228 -9.74 30.00 -21.13
N GLN A 229 -10.18 31.25 -21.01
CA GLN A 229 -11.63 31.54 -21.06
C GLN A 229 -12.18 31.16 -22.46
N ALA A 230 -11.42 31.52 -23.49
CA ALA A 230 -11.79 31.14 -24.85
C ALA A 230 -11.83 29.60 -25.02
N ALA A 231 -10.84 28.89 -24.47
CA ALA A 231 -10.87 27.38 -24.55
C ALA A 231 -12.13 26.85 -23.90
N LEU A 232 -12.36 27.32 -22.67
CA LEU A 232 -13.55 26.93 -21.93
C LEU A 232 -14.84 27.33 -22.62
N ASP A 233 -14.89 28.54 -23.15
CA ASP A 233 -16.16 28.97 -23.78
C ASP A 233 -16.46 28.18 -25.05
N ALA A 234 -15.43 27.78 -25.80
CA ALA A 234 -15.59 26.97 -27.00
C ALA A 234 -16.15 25.60 -26.66
N ALA A 235 -15.54 24.91 -25.69
CA ALA A 235 -16.04 23.61 -25.19
C ALA A 235 -17.51 23.70 -24.76
N ARG A 236 -17.81 24.75 -24.00
CA ARG A 236 -19.15 24.96 -23.46
C ARG A 236 -20.17 25.14 -24.58
N ALA A 237 -19.81 25.90 -25.62
CA ALA A 237 -20.72 26.15 -26.71
C ALA A 237 -21.07 24.85 -27.40
N VAL A 238 -20.06 24.04 -27.63
CA VAL A 238 -20.31 22.82 -28.36
C VAL A 238 -21.17 21.91 -27.49
N LEU A 239 -20.85 21.78 -26.20
CA LEU A 239 -21.70 20.97 -25.28
C LEU A 239 -23.14 21.49 -25.25
N ASP A 240 -23.29 22.81 -25.15
CA ASP A 240 -24.60 23.47 -25.18
C ASP A 240 -25.41 23.24 -26.46
N ALA A 241 -24.74 23.05 -27.61
CA ALA A 241 -25.41 22.80 -28.88
C ALA A 241 -25.88 21.36 -29.01
N ALA A 242 -25.52 20.50 -28.04
CA ALA A 242 -25.73 19.04 -28.21
C ALA A 242 -26.98 18.54 -27.53
N PRO A 243 -27.78 17.71 -28.27
CA PRO A 243 -29.10 17.28 -27.78
C PRO A 243 -28.98 16.23 -26.70
N GLY A 244 -29.47 16.51 -25.49
CA GLY A 244 -29.55 15.46 -24.47
C GLY A 244 -28.20 15.15 -23.85
N VAL A 245 -27.30 16.12 -23.85
CA VAL A 245 -26.05 16.01 -23.13
C VAL A 245 -26.11 16.87 -21.85
N ALA A 246 -26.08 16.24 -20.70
CA ALA A 246 -26.09 16.97 -19.42
C ALA A 246 -24.70 16.99 -18.78
N VAL A 247 -24.09 18.18 -18.75
CA VAL A 247 -22.74 18.27 -18.26
C VAL A 247 -22.70 18.16 -16.73
N ASP A 248 -21.78 17.34 -16.21
N ASP A 248 -21.84 17.27 -16.24
CA ASP A 248 -21.55 17.27 -14.77
CA ASP A 248 -21.51 17.15 -14.84
C ASP A 248 -20.38 18.13 -14.32
C ASP A 248 -20.51 18.26 -14.55
N TYR A 249 -19.31 18.12 -15.09
CA TYR A 249 -18.28 19.18 -14.93
C TYR A 249 -17.49 19.33 -16.21
N LEU A 250 -16.89 20.50 -16.37
CA LEU A 250 -15.90 20.74 -17.39
C LEU A 250 -14.86 21.62 -16.76
N GLU A 251 -13.61 21.13 -16.62
CA GLU A 251 -12.63 21.86 -15.81
C GLU A 251 -11.31 21.78 -16.43
N LEU A 252 -10.67 22.93 -16.44
CA LEU A 252 -9.35 23.07 -16.97
C LEU A 252 -8.39 23.08 -15.76
N ARG A 253 -7.51 22.09 -15.66
CA ARG A 253 -6.60 22.05 -14.50
C ARG A 253 -5.17 21.99 -14.95
N ASP A 254 -4.27 22.37 -14.05
CA ASP A 254 -2.88 21.95 -14.23
C ASP A 254 -2.78 20.44 -14.53
N ILE A 255 -1.71 20.03 -15.18
CA ILE A 255 -1.49 18.67 -15.68
C ILE A 255 -1.56 17.55 -14.62
N GLY A 256 -1.06 17.88 -13.42
CA GLY A 256 -1.05 16.93 -12.33
C GLY A 256 -2.34 17.02 -11.55
N LEU A 257 -3.24 17.94 -11.93
CA LEU A 257 -4.57 18.08 -11.28
C LEU A 257 -4.46 18.51 -9.81
N GLY A 258 -3.25 18.89 -9.40
CA GLY A 258 -2.95 19.06 -7.98
C GLY A 258 -3.16 20.49 -7.53
N PRO A 259 -2.64 20.81 -6.32
CA PRO A 259 -2.82 22.11 -5.66
C PRO A 259 -1.94 23.22 -6.30
N MET A 260 -1.98 23.31 -7.65
CA MET A 260 -1.17 24.26 -8.41
C MET A 260 -2.02 24.93 -9.51
N PRO A 261 -1.77 26.24 -9.76
CA PRO A 261 -2.55 26.94 -10.75
C PRO A 261 -2.12 26.49 -12.12
N LEU A 262 -3.05 26.58 -13.08
CA LEU A 262 -2.73 26.28 -14.46
C LEU A 262 -1.64 27.27 -14.92
N ASN A 263 -0.61 26.74 -15.56
CA ASN A 263 0.32 27.58 -16.37
C ASN A 263 0.20 27.34 -17.89
N GLY A 264 1.32 26.94 -18.49
CA GLY A 264 1.38 26.64 -19.91
C GLY A 264 0.72 25.33 -20.32
N SER A 265 0.69 24.33 -19.43
CA SER A 265 0.17 22.99 -19.78
C SER A 265 -0.99 22.61 -18.89
N GLY A 266 -2.10 22.27 -19.51
CA GLY A 266 -3.31 22.00 -18.77
C GLY A 266 -3.88 20.65 -19.16
N ARG A 267 -4.93 20.29 -18.46
CA ARG A 267 -5.72 19.15 -18.91
C ARG A 267 -7.13 19.63 -18.76
N LEU A 268 -7.90 19.45 -19.83
CA LEU A 268 -9.28 19.82 -19.80
C LEU A 268 -10.09 18.56 -19.66
N LEU A 269 -10.91 18.50 -18.61
CA LEU A 269 -11.60 17.26 -18.34
C LEU A 269 -13.11 17.51 -18.37
N VAL A 270 -13.83 16.56 -18.93
CA VAL A 270 -15.25 16.65 -18.91
C VAL A 270 -15.90 15.32 -18.50
N ALA A 271 -17.01 15.44 -17.79
CA ALA A 271 -17.90 14.33 -17.53
C ALA A 271 -19.32 14.74 -17.86
N ALA A 272 -20.05 13.88 -18.57
CA ALA A 272 -21.42 14.21 -18.90
C ALA A 272 -22.31 12.94 -18.98
N ARG A 273 -23.61 13.16 -18.77
CA ARG A 273 -24.56 12.06 -18.77
C ARG A 273 -25.36 12.18 -20.05
N LEU A 274 -25.54 11.03 -20.71
CA LEU A 274 -26.38 10.85 -21.83
C LEU A 274 -27.44 9.81 -21.38
N GLY A 275 -28.62 10.26 -20.93
CA GLY A 275 -29.58 9.30 -20.35
C GLY A 275 -28.95 8.85 -19.03
N THR A 276 -28.75 7.55 -18.82
CA THR A 276 -28.14 7.10 -17.58
C THR A 276 -26.64 6.82 -17.70
N THR A 277 -26.07 7.00 -18.89
CA THR A 277 -24.67 6.71 -19.13
C THR A 277 -23.79 7.92 -18.88
N ARG A 278 -22.85 7.72 -17.98
CA ARG A 278 -21.95 8.80 -17.63
C ARG A 278 -20.72 8.61 -18.51
N LEU A 279 -20.38 9.61 -19.34
CA LEU A 279 -19.13 9.58 -20.12
C LEU A 279 -18.07 10.57 -19.63
N LEU A 280 -16.83 10.13 -19.75
CA LEU A 280 -15.63 10.90 -19.43
C LEU A 280 -14.83 11.13 -20.69
N ASP A 281 -14.17 12.28 -20.74
CA ASP A 281 -13.13 12.45 -21.75
C ASP A 281 -12.22 13.54 -21.23
N ASN A 282 -11.06 13.65 -21.84
CA ASN A 282 -10.14 14.74 -21.40
C ASN A 282 -9.13 14.97 -22.48
N ILE A 283 -8.44 16.12 -22.44
CA ILE A 283 -7.49 16.33 -23.51
C ILE A 283 -6.42 17.21 -22.93
N ALA A 284 -5.22 17.07 -23.45
CA ALA A 284 -4.14 18.03 -23.24
C ALA A 284 -4.45 19.41 -23.82
N ILE A 285 -4.21 20.46 -23.01
N ILE A 285 -4.18 20.46 -23.05
CA ILE A 285 -4.42 21.88 -23.43
CA ILE A 285 -4.30 21.78 -23.61
C ILE A 285 -3.15 22.72 -23.22
C ILE A 285 -3.01 22.51 -23.36
N GLU A 286 -2.70 23.45 -24.27
CA GLU A 286 -1.53 24.34 -24.12
C GLU A 286 -2.07 25.77 -24.21
N ILE A 287 -1.81 26.61 -23.21
CA ILE A 287 -2.45 27.91 -23.21
C ILE A 287 -1.63 28.97 -23.94
N GLY A 288 -2.29 29.79 -24.79
CA GLY A 288 -1.69 30.92 -25.49
C GLY A 288 -0.48 30.51 -26.30
N THR A 289 0.58 31.31 -26.16
CA THR A 289 1.92 30.85 -26.53
C THR A 289 2.21 29.57 -25.71
N PHE A 290 2.41 28.49 -26.47
CA PHE A 290 2.43 27.07 -26.05
C PHE A 290 1.63 26.28 -27.09
N ALA A 291 0.80 27.03 -27.83
CA ALA A 291 -0.15 26.57 -28.88
C ALA A 291 -1.48 26.19 -28.25
N ALA B 2 25.10 3.50 -12.19
CA ALA B 2 26.21 2.98 -11.32
C ALA B 2 25.69 2.77 -9.89
N ILE B 3 25.93 1.56 -9.35
CA ILE B 3 25.46 1.18 -8.00
C ILE B 3 26.35 1.90 -6.98
N PRO B 4 25.75 2.49 -5.92
CA PRO B 4 26.55 3.14 -4.85
C PRO B 4 27.55 2.14 -4.27
N ALA B 5 28.65 2.62 -3.70
CA ALA B 5 29.61 1.72 -3.04
C ALA B 5 29.08 0.95 -1.82
N PHE B 6 29.43 -0.33 -1.73
CA PHE B 6 29.14 -1.18 -0.58
C PHE B 6 30.42 -1.90 -0.15
N HIS B 7 30.92 -1.63 1.07
CA HIS B 7 32.14 -2.26 1.58
C HIS B 7 31.74 -3.42 2.49
N PRO B 8 31.92 -4.67 2.01
CA PRO B 8 31.60 -5.87 2.78
C PRO B 8 32.24 -5.86 4.17
N GLY B 9 31.45 -6.19 5.18
CA GLY B 9 31.95 -6.31 6.54
C GLY B 9 32.22 -5.00 7.25
N GLU B 10 31.73 -3.89 6.69
CA GLU B 10 31.81 -2.60 7.38
C GLU B 10 30.41 -2.02 7.51
N LEU B 11 30.20 -1.08 8.42
CA LEU B 11 28.96 -0.35 8.43
C LEU B 11 28.84 0.68 7.28
N ASN B 12 27.99 0.38 6.29
CA ASN B 12 27.70 1.28 5.16
C ASN B 12 26.42 2.05 5.39
N VAL B 13 26.56 3.37 5.50
CA VAL B 13 25.49 4.30 5.83
C VAL B 13 24.93 5.02 4.60
N TYR B 14 23.64 4.80 4.35
CA TYR B 14 22.94 5.43 3.23
C TYR B 14 21.78 6.20 3.77
N SER B 15 21.68 7.43 3.32
N SER B 15 21.65 7.43 3.30
CA SER B 15 20.53 8.28 3.65
CA SER B 15 20.53 8.26 3.67
C SER B 15 19.58 8.45 2.47
C SER B 15 19.60 8.50 2.47
N ALA B 16 20.07 8.19 1.26
CA ALA B 16 19.22 8.35 0.05
C ALA B 16 18.40 7.07 -0.18
N PRO B 17 17.05 7.16 -0.26
CA PRO B 17 16.28 5.93 -0.51
C PRO B 17 16.72 5.13 -1.72
N GLY B 18 17.02 5.80 -2.84
CA GLY B 18 17.30 5.07 -4.04
C GLY B 18 18.64 4.43 -3.90
N ASP B 19 19.51 5.04 -3.10
CA ASP B 19 20.80 4.40 -2.82
C ASP B 19 20.68 3.04 -2.12
N VAL B 20 19.97 3.01 -1.00
CA VAL B 20 19.82 1.74 -0.23
C VAL B 20 19.05 0.74 -1.09
N ALA B 21 18.11 1.28 -1.86
CA ALA B 21 17.32 0.47 -2.82
C ALA B 21 18.23 -0.24 -3.83
N ASP B 22 19.13 0.53 -4.48
CA ASP B 22 20.09 -0.03 -5.47
C ASP B 22 21.07 -0.98 -4.79
N VAL B 23 21.62 -0.60 -3.64
CA VAL B 23 22.53 -1.48 -2.97
C VAL B 23 21.78 -2.78 -2.56
N SER B 24 20.57 -2.66 -1.99
CA SER B 24 19.82 -3.88 -1.64
C SER B 24 19.62 -4.81 -2.85
N ARG B 25 19.20 -4.24 -3.98
CA ARG B 25 18.86 -5.03 -5.19
C ARG B 25 20.16 -5.72 -5.69
N ALA B 26 21.24 -4.95 -5.78
CA ALA B 26 22.55 -5.51 -6.13
C ALA B 26 23.00 -6.67 -5.18
N LEU B 27 22.84 -6.50 -3.87
CA LEU B 27 23.24 -7.57 -2.93
C LEU B 27 22.38 -8.80 -3.03
N ARG B 28 21.08 -8.61 -3.28
CA ARG B 28 20.21 -9.78 -3.51
C ARG B 28 20.63 -10.64 -4.71
N LEU B 29 21.14 -10.00 -5.76
CA LEU B 29 21.54 -10.75 -6.98
C LEU B 29 22.84 -11.56 -6.74
N THR B 30 23.67 -11.07 -5.83
CA THR B 30 24.85 -11.83 -5.41
C THR B 30 24.52 -12.97 -4.45
N GLY B 31 23.23 -13.27 -4.24
CA GLY B 31 22.81 -14.26 -3.25
C GLY B 31 23.03 -13.92 -1.77
N ARG B 32 22.79 -12.66 -1.37
CA ARG B 32 22.58 -12.40 0.04
C ARG B 32 21.07 -12.41 0.26
N ARG B 33 20.64 -12.71 1.48
CA ARG B 33 19.23 -12.63 1.83
C ARG B 33 19.17 -11.35 2.66
N VAL B 34 18.39 -10.36 2.22
CA VAL B 34 18.31 -9.02 2.84
C VAL B 34 17.35 -9.04 4.02
N MET B 35 17.83 -8.66 5.20
CA MET B 35 17.00 -8.67 6.39
C MET B 35 16.85 -7.23 6.80
N LEU B 36 15.63 -6.81 7.05
CA LEU B 36 15.41 -5.42 7.48
C LEU B 36 14.98 -5.37 8.97
N VAL B 37 15.62 -4.48 9.72
CA VAL B 37 15.24 -4.23 11.10
C VAL B 37 14.87 -2.74 11.23
N PRO B 38 13.56 -2.42 11.21
CA PRO B 38 13.25 -0.99 11.27
C PRO B 38 13.25 -0.47 12.66
N THR B 39 14.01 0.59 12.89
CA THR B 39 14.00 1.22 14.19
C THR B 39 13.73 2.72 14.15
N MET B 40 13.51 3.24 15.32
CA MET B 40 13.50 4.67 15.50
C MET B 40 14.78 5.19 16.15
N GLY B 41 15.85 4.41 16.12
CA GLY B 41 17.08 4.89 16.76
C GLY B 41 16.98 4.83 18.28
N ALA B 42 17.99 5.37 18.95
CA ALA B 42 18.14 5.31 20.40
C ALA B 42 18.16 3.86 20.81
N LEU B 43 19.14 3.13 20.29
CA LEU B 43 19.08 1.69 20.27
C LEU B 43 19.45 1.14 21.63
N HIS B 44 18.75 0.09 22.08
CA HIS B 44 19.06 -0.64 23.31
C HIS B 44 19.04 -2.15 23.05
N GLU B 45 19.20 -2.96 24.09
CA GLU B 45 19.37 -4.40 23.96
C GLU B 45 18.19 -5.09 23.27
N GLY B 46 16.99 -4.54 23.39
CA GLY B 46 15.83 -5.06 22.64
C GLY B 46 16.11 -4.93 21.12
N HIS B 47 16.66 -3.80 20.68
CA HIS B 47 16.97 -3.65 19.25
C HIS B 47 18.02 -4.63 18.82
N LEU B 48 19.05 -4.82 19.68
CA LEU B 48 20.14 -5.77 19.41
C LEU B 48 19.64 -7.22 19.25
N ALA B 49 18.65 -7.63 20.05
CA ALA B 49 18.01 -8.92 19.79
C ALA B 49 17.47 -9.05 18.41
N LEU B 50 16.84 -7.99 17.87
CA LEU B 50 16.30 -8.02 16.48
C LEU B 50 17.44 -8.19 15.49
N VAL B 51 18.49 -7.42 15.70
CA VAL B 51 19.69 -7.49 14.88
C VAL B 51 20.30 -8.88 14.94
N ARG B 52 20.39 -9.47 16.15
CA ARG B 52 21.05 -10.76 16.28
C ARG B 52 20.32 -11.84 15.60
N ALA B 53 18.99 -11.77 15.70
CA ALA B 53 18.07 -12.67 15.01
C ALA B 53 18.25 -12.55 13.50
N ALA B 54 18.34 -11.31 13.01
CA ALA B 54 18.53 -11.06 11.58
C ALA B 54 19.88 -11.60 11.10
N LYS B 55 20.92 -11.37 11.90
CA LYS B 55 22.26 -11.88 11.62
C LYS B 55 22.40 -13.40 11.53
N ARG B 56 21.55 -14.14 12.20
CA ARG B 56 21.78 -15.57 12.09
C ARG B 56 21.14 -16.25 10.89
N VAL B 57 20.42 -15.51 10.05
CA VAL B 57 19.90 -16.13 8.85
C VAL B 57 21.14 -16.33 7.91
N PRO B 58 21.39 -17.58 7.45
CA PRO B 58 22.58 -17.84 6.62
C PRO B 58 22.51 -17.00 5.35
N GLY B 59 23.62 -16.40 4.96
CA GLY B 59 23.59 -15.49 3.82
C GLY B 59 23.03 -14.09 4.08
N SER B 60 22.74 -13.78 5.36
CA SER B 60 21.94 -12.55 5.69
C SER B 60 22.84 -11.36 5.42
N VAL B 61 22.27 -10.27 4.92
CA VAL B 61 22.88 -8.94 5.09
C VAL B 61 21.86 -8.09 5.83
N VAL B 62 22.33 -7.42 6.88
CA VAL B 62 21.45 -6.69 7.78
C VAL B 62 21.32 -5.20 7.47
N VAL B 63 20.09 -4.82 7.16
CA VAL B 63 19.70 -3.43 6.99
C VAL B 63 19.01 -2.95 8.25
N VAL B 64 19.60 -1.98 8.97
CA VAL B 64 18.86 -1.37 10.06
C VAL B 64 18.44 0.02 9.65
N SER B 65 17.12 0.29 9.63
CA SER B 65 16.69 1.60 9.26
C SER B 65 16.54 2.38 10.57
N ILE B 66 16.92 3.65 10.56
CA ILE B 66 16.69 4.53 11.72
C ILE B 66 15.90 5.70 11.17
N PHE B 67 14.70 5.88 11.66
CA PHE B 67 13.83 6.92 11.14
C PHE B 67 12.77 7.25 12.14
N VAL B 68 12.73 8.51 12.51
CA VAL B 68 11.73 9.04 13.41
C VAL B 68 10.65 9.51 12.48
N ASN B 69 9.57 8.76 12.50
CA ASN B 69 8.50 9.01 11.62
C ASN B 69 7.73 10.06 12.35
N PRO B 70 7.77 11.34 11.86
CA PRO B 70 6.98 12.33 12.57
C PRO B 70 5.46 11.98 12.50
N MET B 71 5.13 10.95 11.69
CA MET B 71 3.73 10.53 11.38
C MET B 71 3.16 9.49 12.37
N GLN B 72 4.03 8.87 13.17
CA GLN B 72 3.58 8.01 14.29
C GLN B 72 3.82 8.64 15.67
N ARG B 84 17.36 10.60 20.25
CA ARG B 84 18.18 9.96 19.21
C ARG B 84 19.68 10.09 19.51
N THR B 85 20.40 8.97 19.54
CA THR B 85 21.89 9.02 19.61
C THR B 85 22.57 8.55 18.30
N PRO B 86 22.74 9.46 17.30
CA PRO B 86 23.15 9.05 15.94
C PRO B 86 24.49 8.32 15.93
N ASP B 87 25.50 8.98 16.49
CA ASP B 87 26.84 8.46 16.61
C ASP B 87 26.92 7.22 17.49
N ASP B 88 26.25 7.28 18.66
CA ASP B 88 26.19 6.06 19.48
C ASP B 88 25.44 4.89 18.78
N ASP B 89 24.23 5.15 18.26
CA ASP B 89 23.49 4.15 17.45
C ASP B 89 24.39 3.46 16.44
N LEU B 90 25.01 4.24 15.55
CA LEU B 90 25.95 3.72 14.54
C LEU B 90 27.10 2.88 15.15
N ALA B 91 27.71 3.38 16.23
CA ALA B 91 28.69 2.60 16.99
C ALA B 91 28.14 1.24 17.41
N GLN B 92 26.96 1.22 18.00
CA GLN B 92 26.41 -0.07 18.41
C GLN B 92 26.22 -1.05 17.24
N LEU B 93 25.71 -0.48 16.14
CA LEU B 93 25.49 -1.26 14.92
C LEU B 93 26.81 -1.86 14.37
N ARG B 94 27.84 -1.01 14.29
CA ARG B 94 29.21 -1.46 13.99
C ARG B 94 29.67 -2.60 14.93
N ALA B 95 29.48 -2.42 16.24
CA ALA B 95 29.83 -3.48 17.20
C ALA B 95 29.05 -4.83 16.98
N GLU B 96 27.84 -4.78 16.42
CA GLU B 96 27.08 -6.02 16.12
C GLU B 96 27.42 -6.64 14.79
N GLY B 97 28.32 -6.04 14.01
CA GLY B 97 28.56 -6.54 12.63
C GLY B 97 27.53 -6.19 11.54
N VAL B 98 26.64 -5.24 11.78
CA VAL B 98 25.63 -4.78 10.82
C VAL B 98 26.31 -4.11 9.60
N GLU B 99 25.88 -4.45 8.38
CA GLU B 99 26.50 -3.85 7.16
C GLU B 99 25.82 -2.62 6.54
N ILE B 100 24.53 -2.43 6.79
CA ILE B 100 23.82 -1.29 6.22
C ILE B 100 23.00 -0.62 7.30
N ALA B 101 23.19 0.69 7.44
CA ALA B 101 22.23 1.52 8.10
C ALA B 101 21.54 2.45 7.08
N PHE B 102 20.24 2.56 7.15
CA PHE B 102 19.50 3.41 6.26
C PHE B 102 19.00 4.53 7.14
N THR B 103 19.50 5.74 6.94
CA THR B 103 19.12 6.84 7.82
C THR B 103 18.58 8.05 7.04
N PRO B 104 17.34 7.96 6.50
CA PRO B 104 16.84 9.00 5.57
C PRO B 104 16.33 10.23 6.34
N THR B 105 16.29 11.38 5.67
CA THR B 105 15.70 12.56 6.29
C THR B 105 14.20 12.44 6.10
N THR B 106 13.43 13.20 6.88
CA THR B 106 12.00 13.35 6.69
C THR B 106 11.60 13.78 5.25
N ALA B 107 12.33 14.76 4.70
CA ALA B 107 12.05 15.20 3.33
C ALA B 107 12.27 14.08 2.29
N ALA B 108 13.18 13.16 2.57
CA ALA B 108 13.50 12.10 1.62
C ALA B 108 12.43 11.01 1.65
N MET B 109 11.87 10.79 2.82
CA MET B 109 10.79 9.87 3.00
C MET B 109 9.48 10.48 2.49
N TYR B 110 9.31 11.81 2.66
CA TYR B 110 8.08 12.48 2.27
C TYR B 110 8.35 13.66 1.24
N PRO B 111 8.89 13.34 0.06
CA PRO B 111 9.31 14.40 -0.87
C PRO B 111 8.13 15.19 -1.35
N ASP B 112 6.95 14.59 -1.28
CA ASP B 112 5.75 15.28 -1.72
C ASP B 112 4.87 15.65 -0.52
N GLY B 113 5.40 15.57 0.69
CA GLY B 113 4.57 15.69 1.89
C GLY B 113 3.63 14.48 2.10
N LEU B 114 2.64 14.64 2.99
CA LEU B 114 1.69 13.58 3.27
C LEU B 114 0.64 13.49 2.19
N ARG B 115 0.48 12.34 1.59
CA ARG B 115 -0.43 12.26 0.47
C ARG B 115 -1.15 10.90 0.44
N THR B 116 -0.68 9.94 -0.35
CA THR B 116 -1.20 8.57 -0.20
C THR B 116 -0.72 7.96 1.16
N THR B 117 -1.61 7.32 1.93
CA THR B 117 -1.21 6.73 3.25
C THR B 117 -1.87 5.34 3.34
N VAL B 118 -1.42 4.53 4.34
CA VAL B 118 -2.07 3.29 4.67
C VAL B 118 -3.15 3.60 5.73
N GLN B 119 -4.32 3.02 5.52
CA GLN B 119 -5.37 3.10 6.48
C GLN B 119 -5.51 1.72 7.09
N PRO B 120 -5.14 1.59 8.38
CA PRO B 120 -5.29 0.23 8.98
C PRO B 120 -6.75 -0.21 9.11
N GLY B 121 -6.99 -1.50 9.25
CA GLY B 121 -8.27 -2.01 9.66
C GLY B 121 -8.56 -1.58 11.10
N PRO B 122 -9.74 -1.98 11.61
CA PRO B 122 -10.31 -1.54 12.87
C PRO B 122 -9.51 -1.96 14.13
N LEU B 123 -8.65 -2.98 14.04
CA LEU B 123 -7.70 -3.24 15.15
C LEU B 123 -6.88 -2.00 15.51
N ALA B 124 -6.61 -1.12 14.55
CA ALA B 124 -5.74 0.02 14.90
C ALA B 124 -6.43 1.05 15.80
N ALA B 125 -7.75 0.95 15.95
CA ALA B 125 -8.48 1.84 16.85
C ALA B 125 -8.56 1.34 18.32
N GLU B 126 -8.27 0.08 18.52
CA GLU B 126 -8.33 -0.53 19.83
C GLU B 126 -7.00 -0.46 20.58
N LEU B 127 -7.05 -0.72 21.91
CA LEU B 127 -5.85 -0.84 22.73
C LEU B 127 -4.97 0.43 22.58
N GLU B 128 -3.76 0.33 22.05
CA GLU B 128 -2.92 1.49 21.87
C GLU B 128 -3.57 2.58 21.03
N GLY B 129 -4.48 2.18 20.15
CA GLY B 129 -5.11 3.11 19.24
C GLY B 129 -6.19 3.95 19.91
N GLY B 130 -6.62 3.53 21.10
CA GLY B 130 -7.39 4.35 22.06
C GLY B 130 -6.87 5.78 22.29
N PRO B 131 -5.70 5.96 22.93
CA PRO B 131 -5.15 7.32 23.02
C PRO B 131 -4.41 7.85 21.78
N ARG B 132 -4.01 7.01 20.81
CA ARG B 132 -3.35 7.53 19.61
C ARG B 132 -4.09 6.95 18.42
N PRO B 133 -5.23 7.58 18.04
CA PRO B 133 -6.00 6.97 16.95
C PRO B 133 -5.35 6.95 15.54
N THR B 134 -4.31 7.75 15.36
CA THR B 134 -3.62 7.79 14.08
C THR B 134 -2.23 7.14 14.12
N HIS B 135 -1.86 6.56 15.26
CA HIS B 135 -0.49 6.14 15.47
C HIS B 135 -0.18 5.00 14.49
N PHE B 136 -1.07 4.04 14.38
CA PHE B 136 -0.77 2.90 13.53
C PHE B 136 -0.82 3.21 12.00
N ALA B 137 -1.65 4.15 11.59
CA ALA B 137 -1.63 4.59 10.17
C ALA B 137 -0.20 5.06 9.89
N GLY B 138 0.34 5.85 10.84
CA GLY B 138 1.69 6.38 10.73
C GLY B 138 2.70 5.23 10.61
N VAL B 139 2.64 4.30 11.55
CA VAL B 139 3.56 3.15 11.49
C VAL B 139 3.43 2.35 10.21
N LEU B 140 2.23 1.90 9.86
CA LEU B 140 2.10 1.07 8.64
C LEU B 140 2.50 1.79 7.34
N THR B 141 2.27 3.09 7.24
CA THR B 141 2.69 3.84 6.04
C THR B 141 4.20 3.80 5.96
N VAL B 142 4.86 4.15 7.06
N VAL B 142 4.88 4.15 7.04
CA VAL B 142 6.33 4.19 7.05
CA VAL B 142 6.34 4.13 6.99
C VAL B 142 6.95 2.81 6.85
C VAL B 142 6.88 2.75 6.71
N VAL B 143 6.35 1.75 7.41
CA VAL B 143 6.86 0.38 7.23
C VAL B 143 6.65 -0.12 5.80
N LEU B 144 5.51 0.20 5.21
CA LEU B 144 5.20 -0.19 3.81
C LEU B 144 6.27 0.46 2.90
N LYS B 145 6.54 1.74 3.10
CA LYS B 145 7.59 2.42 2.31
C LYS B 145 8.97 1.81 2.50
N LEU B 146 9.30 1.45 3.73
CA LEU B 146 10.68 0.87 4.00
C LEU B 146 10.75 -0.43 3.29
N LEU B 147 9.64 -1.19 3.33
CA LEU B 147 9.60 -2.50 2.67
C LEU B 147 9.83 -2.40 1.15
N GLN B 148 9.26 -1.35 0.57
CA GLN B 148 9.28 -1.13 -0.88
C GLN B 148 10.64 -0.55 -1.27
N ILE B 149 11.23 0.22 -0.37
CA ILE B 149 12.60 0.74 -0.56
C ILE B 149 13.67 -0.37 -0.53
N VAL B 150 13.74 -1.10 0.59
CA VAL B 150 14.75 -2.08 0.84
C VAL B 150 14.41 -3.40 0.20
N ARG B 151 13.12 -3.69 0.04
CA ARG B 151 12.73 -5.00 -0.50
C ARG B 151 13.44 -6.22 0.19
N PRO B 152 13.29 -6.33 1.52
CA PRO B 152 13.95 -7.45 2.22
C PRO B 152 13.25 -8.77 2.02
N ASP B 153 13.94 -9.87 2.28
CA ASP B 153 13.31 -11.19 2.35
C ASP B 153 12.55 -11.39 3.66
N ARG B 154 13.11 -10.88 4.78
CA ARG B 154 12.46 -10.96 6.07
C ARG B 154 12.59 -9.60 6.75
N VAL B 155 11.57 -9.26 7.51
CA VAL B 155 11.56 -8.04 8.30
C VAL B 155 11.27 -8.40 9.77
N PHE B 156 11.97 -7.71 10.68
CA PHE B 156 12.01 -8.15 12.08
C PHE B 156 11.38 -7.10 12.97
N PHE B 157 10.42 -7.54 13.79
CA PHE B 157 9.79 -6.68 14.77
C PHE B 157 9.72 -7.35 16.11
N GLY B 158 9.68 -6.57 17.18
CA GLY B 158 9.65 -7.14 18.52
C GLY B 158 8.23 -7.50 18.90
N GLU B 159 8.10 -8.52 19.72
CA GLU B 159 6.81 -8.82 20.34
C GLU B 159 6.48 -7.83 21.42
N LYS B 160 7.49 -7.13 21.87
CA LYS B 160 7.23 -6.07 22.84
C LYS B 160 6.07 -5.16 22.38
N ASP B 161 6.07 -4.73 21.11
CA ASP B 161 4.94 -3.98 20.57
C ASP B 161 4.09 -4.93 19.81
N TYR B 162 3.39 -5.74 20.56
CA TYR B 162 2.61 -6.85 20.00
C TYR B 162 1.54 -6.43 19.00
N GLN B 163 0.76 -5.43 19.34
CA GLN B 163 -0.29 -4.99 18.47
C GLN B 163 0.26 -4.42 17.13
N GLN B 164 1.35 -3.65 17.19
CA GLN B 164 2.08 -3.26 16.03
C GLN B 164 2.45 -4.45 15.16
N LEU B 165 2.97 -5.52 15.76
CA LEU B 165 3.38 -6.71 15.05
C LEU B 165 2.20 -7.34 14.30
N VAL B 166 1.05 -7.44 14.97
CA VAL B 166 -0.15 -8.06 14.38
C VAL B 166 -0.67 -7.20 13.19
N LEU B 167 -0.66 -5.89 13.38
CA LEU B 167 -1.05 -4.98 12.34
C LEU B 167 -0.12 -5.09 11.09
N ILE B 168 1.20 -5.28 11.28
N ILE B 168 1.19 -5.33 11.29
CA ILE B 168 2.15 -5.50 10.20
CA ILE B 168 2.16 -5.46 10.20
C ILE B 168 1.76 -6.79 9.45
C ILE B 168 2.02 -6.82 9.46
N ARG B 169 1.59 -7.91 10.19
N ARG B 169 1.64 -7.89 10.17
CA ARG B 169 1.05 -9.16 9.64
CA ARG B 169 1.16 -9.08 9.47
C ARG B 169 -0.18 -8.97 8.75
C ARG B 169 -0.09 -8.79 8.61
N GLN B 170 -1.05 -8.05 9.17
CA GLN B 170 -2.28 -7.72 8.45
C GLN B 170 -1.95 -6.87 7.17
N LEU B 171 -1.11 -5.85 7.31
CA LEU B 171 -0.56 -5.12 6.17
C LEU B 171 -0.02 -6.06 5.10
N VAL B 172 0.83 -6.99 5.51
CA VAL B 172 1.50 -7.93 4.65
C VAL B 172 0.48 -8.85 3.96
N ALA B 173 -0.44 -9.43 4.72
CA ALA B 173 -1.46 -10.32 4.13
C ALA B 173 -2.31 -9.47 3.13
N ASP B 174 -2.81 -8.34 3.59
CA ASP B 174 -3.83 -7.59 2.86
C ASP B 174 -3.34 -6.98 1.58
N PHE B 175 -2.05 -6.61 1.52
CA PHE B 175 -1.50 -5.94 0.37
C PHE B 175 -0.65 -6.93 -0.42
N ASN B 176 -0.78 -8.21 -0.06
CA ASN B 176 -0.05 -9.32 -0.72
C ASN B 176 1.47 -9.06 -0.81
N LEU B 177 2.07 -8.45 0.24
CA LEU B 177 3.55 -8.25 0.27
C LEU B 177 4.27 -9.59 0.34
N ASP B 178 5.39 -9.60 -0.39
N ASP B 178 5.39 -9.75 -0.35
CA ASP B 178 6.20 -10.80 -0.51
CA ASP B 178 5.93 -11.14 -0.33
C ASP B 178 7.44 -10.72 0.39
C ASP B 178 6.96 -11.48 0.79
N VAL B 179 7.21 -10.51 1.68
CA VAL B 179 8.26 -10.54 2.73
C VAL B 179 7.81 -11.47 3.87
N ALA B 180 8.75 -12.14 4.55
CA ALA B 180 8.40 -12.88 5.80
C ALA B 180 8.52 -11.93 7.00
N VAL B 181 7.47 -11.89 7.82
CA VAL B 181 7.52 -11.08 9.04
C VAL B 181 8.01 -11.95 10.21
N VAL B 182 9.04 -11.50 10.93
CA VAL B 182 9.54 -12.33 12.05
C VAL B 182 9.36 -11.53 13.35
N GLY B 183 8.61 -12.12 14.29
CA GLY B 183 8.41 -11.48 15.57
C GLY B 183 9.47 -12.01 16.54
N VAL B 184 10.15 -11.09 17.24
CA VAL B 184 11.21 -11.49 18.12
C VAL B 184 10.77 -11.25 19.61
N PRO B 185 10.96 -12.28 20.48
CA PRO B 185 10.55 -12.20 21.91
C PRO B 185 11.13 -10.98 22.61
N THR B 186 10.34 -10.42 23.50
CA THR B 186 10.74 -9.25 24.32
C THR B 186 12.00 -9.52 25.13
N VAL B 187 12.94 -8.57 25.16
CA VAL B 187 14.11 -8.72 25.96
C VAL B 187 13.68 -8.01 27.25
N ARG B 188 14.15 -8.55 28.38
CA ARG B 188 13.71 -8.13 29.74
C ARG B 188 14.86 -7.86 30.67
N GLU B 189 14.68 -6.88 31.54
CA GLU B 189 15.68 -6.61 32.58
C GLU B 189 15.64 -7.82 33.54
N ALA B 190 16.60 -7.92 34.45
CA ALA B 190 16.74 -9.10 35.28
C ALA B 190 15.52 -9.43 36.17
N ASP B 191 14.71 -8.42 36.54
CA ASP B 191 13.48 -8.66 37.29
C ASP B 191 12.22 -8.88 36.45
N GLY B 192 12.37 -8.94 35.13
CA GLY B 192 11.20 -9.13 34.27
C GLY B 192 10.82 -7.90 33.42
N LEU B 193 11.23 -6.68 33.82
CA LEU B 193 10.71 -5.48 33.11
C LEU B 193 11.11 -5.51 31.63
N ALA B 194 10.09 -5.36 30.77
CA ALA B 194 10.26 -5.36 29.32
C ALA B 194 11.14 -4.17 28.94
N MET B 195 12.17 -4.42 28.15
CA MET B 195 13.09 -3.34 27.74
C MET B 195 12.37 -2.24 26.94
N SER B 196 12.64 -1.00 27.27
CA SER B 196 12.02 0.13 26.57
C SER B 196 12.85 1.37 26.80
N SER B 197 12.87 2.28 25.83
CA SER B 197 13.66 3.51 26.07
C SER B 197 12.93 4.36 27.10
N ARG B 198 11.62 4.14 27.26
CA ARG B 198 10.85 4.81 28.34
C ARG B 198 11.31 4.51 29.78
N ASN B 199 11.93 3.35 29.99
CA ASN B 199 12.30 2.89 31.31
C ASN B 199 13.22 3.89 32.01
N ARG B 200 14.02 4.61 31.22
CA ARG B 200 14.98 5.59 31.78
C ARG B 200 14.31 6.75 32.50
N TYR B 201 13.04 6.99 32.16
CA TYR B 201 12.24 8.04 32.80
C TYR B 201 11.75 7.74 34.21
N LEU B 202 11.73 6.46 34.58
CA LEU B 202 11.15 6.08 35.85
C LEU B 202 12.08 6.49 36.97
N ASP B 203 11.51 7.15 37.97
CA ASP B 203 12.21 7.34 39.20
C ASP B 203 12.26 6.03 40.03
N PRO B 204 13.00 6.01 41.14
CA PRO B 204 13.18 4.67 41.66
C PRO B 204 11.91 3.98 42.20
N ALA B 205 11.00 4.74 42.80
CA ALA B 205 9.69 4.23 43.20
C ALA B 205 8.86 3.67 42.02
N GLN B 206 8.92 4.36 40.88
CA GLN B 206 8.17 3.95 39.70
C GLN B 206 8.83 2.74 39.11
N ARG B 207 10.16 2.67 39.17
CA ARG B 207 10.86 1.61 38.56
C ARG B 207 10.63 0.33 39.33
N ALA B 208 10.60 0.40 40.67
CA ALA B 208 10.27 -0.77 41.50
C ALA B 208 8.80 -1.21 41.30
N ALA B 209 7.91 -0.23 41.11
CA ALA B 209 6.48 -0.54 40.90
C ALA B 209 6.24 -1.18 39.52
N ALA B 210 7.07 -0.77 38.56
CA ALA B 210 6.90 -1.13 37.12
C ALA B 210 7.06 -2.65 36.92
N VAL B 211 7.77 -3.30 37.84
N VAL B 211 7.79 -3.28 37.85
CA VAL B 211 7.95 -4.73 37.74
CA VAL B 211 7.98 -4.73 37.90
C VAL B 211 6.62 -5.51 37.83
C VAL B 211 6.65 -5.51 37.91
N ALA B 212 5.56 -4.90 38.40
CA ALA B 212 4.22 -5.51 38.49
C ALA B 212 3.60 -5.91 37.11
N LEU B 213 3.92 -5.16 36.03
CA LEU B 213 3.39 -5.51 34.73
C LEU B 213 3.86 -6.92 34.34
N SER B 214 5.15 -7.15 34.32
CA SER B 214 5.67 -8.44 33.97
C SER B 214 5.33 -9.52 35.00
N ALA B 215 5.33 -9.14 36.28
CA ALA B 215 4.98 -10.10 37.35
C ALA B 215 3.52 -10.54 37.17
N ALA B 216 2.64 -9.58 36.83
CA ALA B 216 1.22 -9.90 36.58
C ALA B 216 1.04 -10.90 35.45
N LEU B 217 1.82 -10.67 34.38
CA LEU B 217 1.64 -11.44 33.18
C LEU B 217 2.19 -12.82 33.38
N THR B 218 3.40 -12.94 33.96
CA THR B 218 3.93 -14.28 34.24
CA THR B 218 3.93 -14.30 34.25
C THR B 218 2.99 -15.05 35.22
N ALA B 219 2.47 -14.35 36.21
CA ALA B 219 1.53 -15.03 37.13
C ALA B 219 0.31 -15.55 36.35
N ALA B 220 -0.25 -14.70 35.48
CA ALA B 220 -1.39 -15.07 34.64
C ALA B 220 -1.07 -16.26 33.76
N ALA B 221 0.11 -16.28 33.14
CA ALA B 221 0.51 -17.37 32.26
C ALA B 221 0.48 -18.73 33.03
N HIS B 222 0.90 -18.70 34.30
CA HIS B 222 0.91 -19.90 35.16
C HIS B 222 -0.40 -20.21 35.85
N ALA B 223 -1.16 -19.17 36.24
CA ALA B 223 -2.55 -19.40 36.70
C ALA B 223 -3.47 -20.03 35.65
N ALA B 224 -3.10 -19.85 34.36
CA ALA B 224 -3.93 -20.23 33.21
C ALA B 224 -4.34 -21.72 33.15
N THR B 225 -3.59 -22.63 33.80
CA THR B 225 -4.08 -24.02 34.03
C THR B 225 -5.47 -24.06 34.68
N ALA B 226 -5.79 -23.03 35.47
CA ALA B 226 -7.07 -22.91 36.14
C ALA B 226 -8.12 -22.14 35.28
N GLY B 227 -7.80 -21.87 34.01
CA GLY B 227 -8.76 -21.19 33.10
C GLY B 227 -8.47 -19.69 32.96
N ALA B 228 -9.29 -19.05 32.10
CA ALA B 228 -9.12 -17.67 31.65
C ALA B 228 -9.38 -16.67 32.76
N GLN B 229 -10.40 -16.91 33.56
CA GLN B 229 -10.76 -15.98 34.61
C GLN B 229 -9.71 -15.96 35.70
N ALA B 230 -9.15 -17.14 36.03
CA ALA B 230 -8.10 -17.24 37.07
C ALA B 230 -6.82 -16.59 36.55
N ALA B 231 -6.53 -16.68 35.26
CA ALA B 231 -5.38 -15.94 34.74
C ALA B 231 -5.60 -14.43 34.83
N LEU B 232 -6.78 -13.95 34.46
CA LEU B 232 -6.99 -12.49 34.49
C LEU B 232 -7.05 -11.98 35.89
N ASP B 233 -7.52 -12.82 36.82
CA ASP B 233 -7.73 -12.38 38.20
C ASP B 233 -6.39 -12.31 38.88
N ALA B 234 -5.53 -13.27 38.57
CA ALA B 234 -4.17 -13.25 39.14
C ALA B 234 -3.40 -12.00 38.67
N ALA B 235 -3.44 -11.70 37.36
CA ALA B 235 -2.76 -10.54 36.79
C ALA B 235 -3.24 -9.26 37.48
N ARG B 236 -4.55 -9.15 37.56
CA ARG B 236 -5.20 -8.01 38.22
C ARG B 236 -4.80 -7.85 39.68
N ALA B 237 -4.74 -8.95 40.43
CA ALA B 237 -4.19 -8.93 41.83
C ALA B 237 -2.75 -8.37 41.87
N VAL B 238 -1.88 -8.83 41.01
CA VAL B 238 -0.49 -8.38 41.05
C VAL B 238 -0.45 -6.84 40.74
N LEU B 239 -1.15 -6.40 39.70
CA LEU B 239 -1.24 -4.95 39.42
C LEU B 239 -1.81 -4.19 40.61
N ASP B 240 -2.87 -4.75 41.23
CA ASP B 240 -3.52 -4.12 42.38
C ASP B 240 -2.58 -4.06 43.58
N ALA B 241 -1.56 -4.91 43.60
CA ALA B 241 -0.53 -4.77 44.69
C ALA B 241 0.51 -3.68 44.47
N ALA B 242 0.44 -2.94 43.34
CA ALA B 242 1.48 -1.90 43.08
C ALA B 242 0.94 -0.49 43.21
N PRO B 243 1.71 0.40 43.84
CA PRO B 243 1.22 1.80 44.00
C PRO B 243 1.61 2.66 42.76
N GLY B 244 0.86 3.71 42.48
CA GLY B 244 1.10 4.59 41.32
C GLY B 244 1.12 3.89 39.95
N VAL B 245 0.39 2.78 39.79
CA VAL B 245 0.27 2.09 38.50
C VAL B 245 -1.14 2.23 37.96
N ALA B 246 -1.30 3.10 36.98
CA ALA B 246 -2.68 3.43 36.49
C ALA B 246 -2.92 2.61 35.24
N VAL B 247 -3.51 1.44 35.42
CA VAL B 247 -3.72 0.53 34.33
C VAL B 247 -4.71 1.07 33.25
N ASP B 248 -4.24 1.21 32.00
CA ASP B 248 -5.19 1.63 30.95
C ASP B 248 -5.98 0.44 30.43
N TYR B 249 -5.36 -0.73 30.31
CA TYR B 249 -6.14 -1.92 29.91
C TYR B 249 -5.38 -3.15 30.31
N LEU B 250 -6.11 -4.24 30.41
CA LEU B 250 -5.52 -5.55 30.68
C LEU B 250 -6.51 -6.43 29.96
N GLU B 251 -6.09 -7.02 28.84
N GLU B 251 -6.03 -7.13 28.94
CA GLU B 251 -6.98 -7.73 27.95
CA GLU B 251 -6.88 -7.72 27.95
C GLU B 251 -6.36 -9.02 27.48
C GLU B 251 -6.33 -9.04 27.44
N LEU B 252 -7.14 -10.09 27.55
CA LEU B 252 -6.83 -11.39 26.97
C LEU B 252 -7.56 -11.52 25.63
N ARG B 253 -6.80 -11.91 24.61
CA ARG B 253 -7.27 -11.92 23.23
C ARG B 253 -6.73 -13.17 22.56
N ASP B 254 -7.16 -13.46 21.33
CA ASP B 254 -6.46 -14.53 20.66
C ASP B 254 -5.15 -13.98 20.09
N ILE B 255 -4.36 -14.88 19.52
CA ILE B 255 -3.06 -14.61 18.98
C ILE B 255 -3.09 -13.44 17.98
N GLY B 256 -4.18 -13.31 17.20
CA GLY B 256 -4.30 -12.24 16.20
C GLY B 256 -5.09 -11.06 16.72
N LEU B 257 -5.38 -11.03 18.03
CA LEU B 257 -6.04 -9.94 18.72
C LEU B 257 -7.55 -9.83 18.44
N GLY B 258 -8.13 -10.85 17.83
CA GLY B 258 -9.60 -10.99 17.90
C GLY B 258 -9.95 -11.48 19.31
N PRO B 259 -11.23 -11.90 19.54
CA PRO B 259 -11.54 -12.35 20.90
C PRO B 259 -10.95 -13.72 21.22
N MET B 260 -10.56 -13.87 22.47
CA MET B 260 -10.00 -15.10 23.01
C MET B 260 -10.96 -16.27 22.86
N PRO B 261 -10.50 -17.37 22.21
CA PRO B 261 -11.34 -18.56 22.09
C PRO B 261 -11.47 -19.23 23.46
N LEU B 262 -12.48 -20.11 23.62
CA LEU B 262 -12.76 -20.76 24.91
C LEU B 262 -11.58 -21.53 25.50
N ASN B 263 -10.89 -22.29 24.66
CA ASN B 263 -9.62 -22.90 25.04
C ASN B 263 -8.58 -22.47 23.99
N GLY B 264 -7.37 -22.98 24.07
CA GLY B 264 -6.33 -22.65 23.07
C GLY B 264 -5.44 -21.47 23.42
N SER B 265 -4.74 -20.97 22.41
CA SER B 265 -3.67 -20.01 22.61
C SER B 265 -4.20 -18.59 22.60
N GLY B 266 -3.58 -17.74 23.39
CA GLY B 266 -4.00 -16.37 23.51
C GLY B 266 -2.81 -15.47 23.76
N ARG B 267 -3.11 -14.18 23.95
CA ARG B 267 -2.10 -13.22 24.35
C ARG B 267 -2.76 -12.36 25.37
N LEU B 268 -2.07 -12.03 26.47
CA LEU B 268 -2.59 -11.08 27.47
C LEU B 268 -1.72 -9.86 27.33
N LEU B 269 -2.34 -8.68 27.21
CA LEU B 269 -1.64 -7.43 26.98
C LEU B 269 -2.02 -6.48 28.10
N VAL B 270 -1.07 -5.67 28.54
CA VAL B 270 -1.40 -4.67 29.53
C VAL B 270 -0.72 -3.37 29.15
N ALA B 271 -1.25 -2.25 29.63
CA ALA B 271 -0.53 -1.01 29.54
C ALA B 271 -0.93 -0.18 30.73
N ALA B 272 -0.04 0.69 31.19
CA ALA B 272 -0.33 1.46 32.39
C ALA B 272 0.47 2.71 32.38
N ARG B 273 0.04 3.72 33.12
N ARG B 273 0.08 3.69 33.18
CA ARG B 273 0.81 4.95 33.32
CA ARG B 273 0.83 4.94 33.28
C ARG B 273 1.48 4.94 34.66
C ARG B 273 1.44 5.08 34.65
N LEU B 274 2.74 5.34 34.71
CA LEU B 274 3.44 5.54 35.97
C LEU B 274 3.96 6.94 35.86
N GLY B 275 3.26 7.84 36.56
CA GLY B 275 3.58 9.29 36.49
C GLY B 275 3.20 9.69 35.06
N THR B 276 4.16 10.17 34.28
CA THR B 276 3.84 10.49 32.88
C THR B 276 4.32 9.43 31.89
N THR B 277 4.84 8.33 32.40
CA THR B 277 5.50 7.34 31.54
C THR B 277 4.53 6.19 31.29
N ARG B 278 4.28 5.87 30.02
CA ARG B 278 3.40 4.79 29.65
C ARG B 278 4.23 3.54 29.31
N LEU B 279 3.82 2.42 29.91
CA LEU B 279 4.48 1.14 29.78
C LEU B 279 3.57 0.08 29.18
N LEU B 280 4.15 -0.81 28.41
CA LEU B 280 3.36 -1.87 27.81
C LEU B 280 4.05 -3.17 28.11
N ASP B 281 3.27 -4.26 28.12
CA ASP B 281 3.84 -5.60 28.19
C ASP B 281 2.76 -6.54 27.67
N ASN B 282 3.17 -7.71 27.20
CA ASN B 282 2.21 -8.71 26.80
C ASN B 282 2.87 -10.06 26.97
N ILE B 283 2.08 -11.14 26.93
CA ILE B 283 2.69 -12.45 27.07
C ILE B 283 1.76 -13.46 26.44
N ALA B 284 2.31 -14.56 25.95
CA ALA B 284 1.54 -15.76 25.53
C ALA B 284 0.90 -16.43 26.72
N ILE B 285 -0.30 -16.98 26.48
CA ILE B 285 -1.16 -17.61 27.43
C ILE B 285 -1.72 -18.89 26.74
N GLU B 286 -1.66 -20.04 27.41
CA GLU B 286 -2.36 -21.23 26.87
C GLU B 286 -3.47 -21.53 27.87
N ILE B 287 -4.70 -21.62 27.39
CA ILE B 287 -5.82 -21.80 28.34
C ILE B 287 -6.15 -23.26 28.70
N GLY B 288 -5.92 -23.61 29.98
CA GLY B 288 -6.21 -24.96 30.50
C GLY B 288 -5.01 -25.90 30.34
C1 EOH C . -10.97 -0.17 5.85
C2 EOH C . -9.59 0.50 5.98
O EOH C . -11.22 -1.00 6.98
C1 EOH D . -16.19 -11.18 7.61
C2 EOH D . -16.99 -11.12 6.30
O EOH D . -15.40 -10.02 7.97
C1 EOH E . 13.24 4.41 -3.68
C2 EOH E . 13.78 3.51 -4.80
O EOH E . 11.90 4.77 -3.95
C4 I2E F . -8.61 3.61 -23.48
C5 I2E F . -9.96 3.71 -23.33
C6 I2E F . -10.59 3.03 -22.26
C3 I2E F . -7.84 2.86 -22.62
C2 I2E F . -8.41 2.20 -21.56
C1 I2E F . -9.80 2.28 -21.34
C7 I2E F . -10.39 1.57 -20.28
C8 I2E F . -11.49 2.38 -19.52
C9 I2E F . -12.94 2.21 -20.10
O1 I2E F . -13.26 1.19 -20.74
C20 I2E F . -6.47 3.64 -24.24
O2 I2E F . -13.69 3.14 -19.88
O4 I2E F . -7.81 4.21 -24.44
O3 I2E F . -6.51 2.91 -22.98
C1 EDO G . -8.16 -2.54 -12.05
O1 EDO G . -9.14 -1.99 -11.17
C2 EDO G . -7.66 -1.43 -12.96
O2 EDO G . -8.77 -0.88 -13.65
C1 EDO H . -7.16 -6.13 1.33
O1 EDO H . -7.39 -7.33 0.61
C2 EDO H . -8.49 -5.61 1.79
O2 EDO H . -8.32 -4.68 2.85
C1 GOL I . -10.60 16.21 -34.25
O1 GOL I . -9.29 16.76 -34.40
C2 GOL I . -11.63 17.06 -34.97
O2 GOL I . -11.85 16.54 -36.28
C3 GOL I . -13.00 17.13 -34.29
O3 GOL I . -13.16 16.92 -32.90
C1 EOH J . 0.28 -13.13 -3.13
C2 EOH J . -0.88 -13.97 -2.60
O EOH J . 1.06 -13.78 -4.10
C1 EOH K . 5.95 -11.79 -6.50
C2 EOH K . 6.98 -12.76 -5.92
O EOH K . 5.69 -12.15 -7.84
C1 EDO L . 4.03 9.19 1.76
O1 EDO L . 5.16 9.31 0.88
C2 EDO L . 2.95 10.14 1.26
O2 EDO L . 1.97 10.18 2.26
C1 GOL M . 0.67 7.53 38.73
O1 GOL M . 0.65 6.56 37.76
C2 GOL M . -0.50 8.42 38.36
O2 GOL M . -1.66 7.67 38.25
C3 GOL M . -0.71 9.48 39.41
O3 GOL M . 0.24 10.54 39.27
C1 GOL N . 29.01 -4.94 -4.04
O1 GOL N . 28.99 -6.34 -3.87
C2 GOL N . 27.72 -4.64 -4.79
O2 GOL N . 26.89 -5.78 -4.65
C3 GOL N . 27.08 -3.33 -4.37
O3 GOL N . 27.97 -2.26 -4.67
C1 GOL O . 8.06 1.80 13.53
O1 GOL O . 8.23 2.83 12.59
C2 GOL O . 9.48 1.48 13.95
O2 GOL O . 10.24 1.38 12.77
C3 GOL O . 9.66 0.32 14.92
O3 GOL O . 10.33 0.77 16.07
C1 GOL P . 15.40 -2.46 -4.61
O1 GOL P . 15.45 -2.13 -3.26
C2 GOL P . 14.06 -3.08 -4.86
O2 GOL P . 13.77 -3.18 -6.23
C3 GOL P . 13.05 -2.20 -4.15
O3 GOL P . 13.04 -0.95 -4.77
C4 I2E Q . 12.36 -5.30 22.66
C5 I2E Q . 12.26 -4.23 23.49
C6 I2E Q . 11.97 -2.97 22.95
C3 I2E Q . 12.21 -5.17 21.29
C2 I2E Q . 11.94 -3.93 20.74
C1 I2E Q . 11.78 -2.79 21.56
C7 I2E Q . 11.52 -1.53 21.02
C8 I2E Q . 10.29 -0.69 21.64
C9 I2E Q . 10.60 0.23 22.88
O1 I2E Q . 9.57 0.39 23.67
C20 I2E Q . 12.99 -7.24 21.69
O2 I2E Q . 11.76 0.84 22.96
O4 I2E Q . 12.62 -6.60 22.98
O3 I2E Q . 12.37 -6.41 20.67
#